data_7U01
#
_entry.id   7U01
#
_cell.length_a   155.068
_cell.length_b   155.068
_cell.length_c   47.837
_cell.angle_alpha   90.000
_cell.angle_beta   90.000
_cell.angle_gamma   90.000
#
_symmetry.space_group_name_H-M   'P 41 21 2'
#
loop_
_entity.id
_entity.type
_entity.pdbx_description
1 polymer 'Receptor-type tyrosine-protein phosphatase eta'
2 water water
#
_entity_poly.entity_id   1
_entity_poly.type   'polypeptide(L)'
_entity_poly.pdbx_seq_one_letter_code
;EPIPVSDLRVALTGVRKAALSWSNGNGTASCR(MSE)LLESIGSHEELTQDSRLQVNISGLKPGVQYNINPYLLQSNKTK
GDPLGTEGGLDASNTERSRAGSPTAP(MSE)HDESLVGPVDPSSGQQSRDTEVLLVGLEPGTRYNATVYSQAANGTEGQP
QAIEFRT
;
_entity_poly.pdbx_strand_id   A,B,C,D
#
# COMPACT_ATOMS: atom_id res chain seq x y z
N GLU A 1 -29.25 10.05 23.38
CA GLU A 1 -27.93 10.60 23.15
C GLU A 1 -26.85 9.55 23.45
N PRO A 2 -26.06 9.21 22.44
CA PRO A 2 -25.12 8.11 22.58
C PRO A 2 -23.84 8.52 23.30
N ILE A 3 -23.14 7.52 23.80
CA ILE A 3 -21.83 7.71 24.43
C ILE A 3 -20.81 7.99 23.33
N PRO A 4 -19.73 8.72 23.62
CA PRO A 4 -18.73 8.99 22.58
C PRO A 4 -18.04 7.71 22.12
N VAL A 5 -17.38 7.80 20.98
CA VAL A 5 -16.62 6.67 20.47
C VAL A 5 -15.47 6.38 21.45
N SER A 6 -15.02 5.13 21.46
CA SER A 6 -14.00 4.69 22.39
C SER A 6 -12.78 4.19 21.63
N ASP A 7 -11.61 4.41 22.23
CA ASP A 7 -10.34 3.87 21.73
C ASP A 7 -10.10 4.27 20.28
N LEU A 8 -10.19 5.57 20.03
CA LEU A 8 -9.90 6.11 18.70
C LEU A 8 -8.42 5.92 18.41
N ARG A 9 -8.11 5.14 17.38
CA ARG A 9 -6.73 4.78 17.05
C ARG A 9 -6.46 5.08 15.58
N VAL A 10 -5.18 5.31 15.28
CA VAL A 10 -4.72 5.47 13.90
C VAL A 10 -3.44 4.67 13.73
N ALA A 11 -3.34 3.97 12.59
CA ALA A 11 -2.12 3.27 12.21
C ALA A 11 -1.67 3.82 10.86
N LEU A 12 -0.44 4.31 10.81
CA LEU A 12 0.14 4.78 9.55
C LEU A 12 0.52 3.59 8.69
N THR A 13 -0.42 3.11 7.86
CA THR A 13 -0.21 1.93 7.04
C THR A 13 0.52 2.19 5.73
N GLY A 14 1.03 3.40 5.53
CA GLY A 14 1.72 3.69 4.28
C GLY A 14 2.21 5.12 4.27
N VAL A 15 2.87 5.49 3.16
CA VAL A 15 3.33 6.86 2.99
C VAL A 15 2.15 7.81 2.92
N ARG A 16 1.09 7.40 2.22
CA ARG A 16 -0.09 8.23 2.00
C ARG A 16 -1.34 7.59 2.60
N LYS A 17 -1.16 6.71 3.58
CA LYS A 17 -2.24 5.88 4.08
C LYS A 17 -2.32 5.95 5.60
N ALA A 18 -3.54 5.98 6.11
CA ALA A 18 -3.78 5.98 7.55
C ALA A 18 -5.09 5.25 7.82
N ALA A 19 -5.03 4.27 8.73
CA ALA A 19 -6.19 3.48 9.11
C ALA A 19 -6.69 3.94 10.46
N LEU A 20 -7.90 4.50 10.49
CA LEU A 20 -8.56 4.89 11.73
C LEU A 20 -9.52 3.80 12.16
N SER A 21 -9.67 3.66 13.48
CA SER A 21 -10.60 2.68 14.03
C SER A 21 -11.08 3.16 15.39
N TRP A 22 -12.28 2.70 15.77
CA TRP A 22 -12.85 3.05 17.06
C TRP A 22 -13.95 2.05 17.40
N SER A 23 -14.36 2.06 18.66
CA SER A 23 -15.45 1.24 19.16
C SER A 23 -16.70 2.09 19.35
N ASN A 24 -17.86 1.51 19.03
CA ASN A 24 -19.13 2.21 19.11
C ASN A 24 -19.94 1.71 20.30
N GLY A 25 -20.59 2.63 20.99
CA GLY A 25 -21.51 2.27 22.04
C GLY A 25 -22.73 1.55 21.51
N ASN A 26 -23.46 0.90 22.42
CA ASN A 26 -24.58 0.08 22.02
C ASN A 26 -25.76 0.90 21.51
N GLY A 27 -25.82 2.18 21.84
CA GLY A 27 -26.84 3.06 21.30
C GLY A 27 -26.43 3.81 20.06
N THR A 28 -25.22 3.56 19.55
CA THR A 28 -24.68 4.28 18.40
C THR A 28 -25.17 3.61 17.11
N ALA A 29 -25.91 4.36 16.30
CA ALA A 29 -26.38 3.86 15.02
C ALA A 29 -25.42 4.17 13.87
N SER A 30 -24.75 5.32 13.93
CA SER A 30 -23.82 5.71 12.88
C SER A 30 -22.87 6.76 13.46
N CYS A 31 -21.88 7.13 12.65
CA CYS A 31 -20.86 8.08 13.08
C CYS A 31 -20.61 9.12 11.99
N ARG A 32 -20.24 10.32 12.45
CA ARG A 32 -19.82 11.42 11.60
C ARG A 32 -18.34 11.70 11.84
N LEU A 34 -15.41 14.54 10.93
CA LEU A 34 -14.87 15.75 10.34
C LEU A 34 -13.35 15.60 10.23
N LEU A 35 -12.85 15.64 9.01
CA LEU A 35 -11.44 15.41 8.71
C LEU A 35 -10.86 16.69 8.12
N GLU A 36 -9.81 17.21 8.75
CA GLU A 36 -9.20 18.47 8.33
C GLU A 36 -7.69 18.33 8.31
N SER A 37 -7.05 19.15 7.48
CA SER A 37 -5.60 19.29 7.50
C SER A 37 -5.21 20.37 8.50
N ILE A 38 -3.94 20.34 8.90
CA ILE A 38 -3.40 21.35 9.82
C ILE A 38 -2.14 21.97 9.22
N GLN A 46 0.83 22.64 -2.77
CA GLN A 46 0.16 22.78 -1.48
C GLN A 46 -1.36 22.64 -1.58
N ASP A 47 -1.84 21.95 -2.59
CA ASP A 47 -3.29 21.67 -2.75
C ASP A 47 -3.82 20.66 -1.74
N SER A 48 -3.05 20.48 -0.66
CA SER A 48 -3.33 19.49 0.36
C SER A 48 -4.32 19.96 1.41
N ARG A 49 -4.78 21.21 1.34
CA ARG A 49 -5.78 21.69 2.29
C ARG A 49 -7.04 20.84 2.15
N LEU A 50 -7.60 20.46 3.29
CA LEU A 50 -8.69 19.50 3.30
C LEU A 50 -9.66 19.81 4.42
N GLN A 51 -10.96 19.75 4.10
CA GLN A 51 -11.99 19.83 5.13
C GLN A 51 -13.20 19.05 4.62
N VAL A 52 -13.40 17.86 5.15
CA VAL A 52 -14.49 16.99 4.68
C VAL A 52 -15.32 16.51 5.87
N ASN A 53 -16.63 16.46 5.65
CA ASN A 53 -17.58 15.95 6.63
C ASN A 53 -18.15 14.64 6.09
N ILE A 54 -17.68 13.53 6.66
CA ILE A 54 -18.04 12.20 6.19
C ILE A 54 -19.13 11.65 7.11
N SER A 55 -20.28 11.33 6.54
CA SER A 55 -21.44 10.84 7.27
C SER A 55 -21.71 9.38 6.91
N GLY A 56 -22.62 8.78 7.68
CA GLY A 56 -23.05 7.42 7.40
C GLY A 56 -22.04 6.33 7.68
N LEU A 57 -21.07 6.59 8.55
CA LEU A 57 -20.11 5.56 8.94
C LEU A 57 -20.77 4.64 9.96
N LYS A 58 -20.87 3.36 9.63
CA LYS A 58 -21.70 2.45 10.40
C LYS A 58 -20.86 1.53 11.27
N PRO A 59 -21.38 1.13 12.43
CA PRO A 59 -20.68 0.12 13.24
C PRO A 59 -20.57 -1.20 12.50
N GLY A 60 -19.40 -1.84 12.64
CA GLY A 60 -19.15 -3.10 11.99
C GLY A 60 -18.74 -3.04 10.54
N VAL A 61 -18.52 -1.85 9.99
CA VAL A 61 -18.19 -1.68 8.58
C VAL A 61 -16.83 -1.01 8.45
N GLN A 62 -16.05 -1.47 7.47
CA GLN A 62 -14.75 -0.87 7.15
C GLN A 62 -14.85 -0.10 5.84
N TYR A 63 -14.25 1.08 5.80
CA TYR A 63 -14.33 1.97 4.66
C TYR A 63 -12.95 2.30 4.11
N ASN A 64 -12.86 2.43 2.80
CA ASN A 64 -11.66 2.91 2.11
C ASN A 64 -12.03 4.23 1.44
N ILE A 65 -11.40 5.32 1.86
CA ILE A 65 -11.81 6.65 1.46
C ILE A 65 -10.60 7.47 1.02
N ASN A 66 -10.70 8.07 -0.17
CA ASN A 66 -9.82 9.13 -0.62
C ASN A 66 -10.50 10.45 -0.26
N PRO A 67 -10.09 11.10 0.82
CA PRO A 67 -10.83 12.29 1.28
C PRO A 67 -10.82 13.43 0.29
N TYR A 68 -9.81 13.52 -0.58
CA TYR A 68 -9.80 14.54 -1.61
C TYR A 68 -10.76 14.22 -2.75
N LEU A 69 -11.13 12.95 -2.92
CA LEU A 69 -12.18 12.60 -3.87
C LEU A 69 -13.53 13.10 -3.38
N LEU A 70 -13.86 12.83 -2.10
CA LEU A 70 -15.13 13.31 -1.55
C LEU A 70 -15.16 14.82 -1.42
N GLN A 71 -14.00 15.44 -1.17
CA GLN A 71 -13.93 16.89 -1.13
C GLN A 71 -14.20 17.50 -2.50
N SER A 72 -13.77 16.82 -3.56
CA SER A 72 -13.99 17.27 -4.93
C SER A 72 -15.49 17.39 -5.25
N SER A 120 -18.27 -8.09 15.43
CA SER A 120 -18.09 -6.99 16.37
C SER A 120 -18.78 -5.73 15.87
N ARG A 121 -18.56 -4.62 16.60
CA ARG A 121 -19.20 -3.36 16.25
C ARG A 121 -18.21 -2.21 16.24
N ASP A 122 -16.96 -2.48 15.87
CA ASP A 122 -16.01 -1.40 15.61
C ASP A 122 -16.22 -0.86 14.20
N THR A 123 -15.61 0.29 13.93
CA THR A 123 -15.64 0.89 12.60
C THR A 123 -14.21 1.23 12.20
N GLU A 124 -13.86 0.94 10.95
CA GLU A 124 -12.53 1.18 10.43
C GLU A 124 -12.63 2.04 9.19
N VAL A 125 -11.78 3.06 9.10
CA VAL A 125 -11.73 3.96 7.95
C VAL A 125 -10.28 4.01 7.49
N LEU A 126 -10.02 3.49 6.29
CA LEU A 126 -8.70 3.58 5.68
C LEU A 126 -8.68 4.82 4.79
N LEU A 127 -7.86 5.79 5.16
CA LEU A 127 -7.70 7.01 4.39
C LEU A 127 -6.53 6.84 3.43
N VAL A 128 -6.78 7.08 2.14
CA VAL A 128 -5.79 6.85 1.11
C VAL A 128 -5.52 8.17 0.37
N GLY A 129 -4.35 8.24 -0.27
CA GLY A 129 -3.99 9.41 -1.04
C GLY A 129 -3.68 10.64 -0.23
N LEU A 130 -3.29 10.48 1.03
CA LEU A 130 -2.98 11.63 1.87
C LEU A 130 -1.64 12.26 1.44
N GLU A 131 -1.55 13.56 1.62
CA GLU A 131 -0.32 14.27 1.30
C GLU A 131 0.74 13.96 2.33
N PRO A 132 1.89 13.39 1.95
CA PRO A 132 2.87 12.95 2.96
C PRO A 132 3.39 14.10 3.80
N GLY A 133 3.76 13.79 5.03
CA GLY A 133 4.31 14.78 5.95
C GLY A 133 3.35 15.88 6.31
N THR A 134 2.05 15.62 6.26
CA THR A 134 1.04 16.62 6.58
C THR A 134 0.27 16.19 7.83
N ARG A 135 0.00 17.16 8.71
CA ARG A 135 -0.77 16.89 9.91
C ARG A 135 -2.26 16.88 9.58
N TYR A 136 -2.97 15.88 10.07
CA TYR A 136 -4.41 15.76 9.88
C TYR A 136 -5.09 15.60 11.24
N ASN A 137 -6.32 16.10 11.33
CA ASN A 137 -7.14 15.96 12.52
C ASN A 137 -8.44 15.27 12.13
N ALA A 138 -8.74 14.17 12.79
CA ALA A 138 -10.00 13.46 12.60
C ALA A 138 -10.83 13.57 13.88
N THR A 139 -12.08 13.98 13.73
CA THR A 139 -13.00 14.13 14.84
C THR A 139 -14.24 13.31 14.55
N VAL A 140 -14.53 12.33 15.42
CA VAL A 140 -15.58 11.34 15.20
C VAL A 140 -16.71 11.59 16.19
N TYR A 141 -17.93 11.73 15.67
CA TYR A 141 -19.13 11.93 16.48
C TYR A 141 -20.01 10.70 16.35
N SER A 142 -20.34 10.07 17.47
CA SER A 142 -21.35 9.03 17.45
C SER A 142 -22.73 9.66 17.26
N GLN A 143 -23.67 8.85 16.79
CA GLN A 143 -25.00 9.35 16.45
C GLN A 143 -26.04 8.29 16.77
N ALA A 144 -27.04 8.66 17.58
CA ALA A 144 -28.17 7.78 17.82
C ALA A 144 -29.07 7.75 16.60
N ALA A 145 -30.13 6.93 16.68
CA ALA A 145 -30.99 6.74 15.51
C ALA A 145 -31.75 8.01 15.14
N ASN A 146 -32.11 8.84 16.12
CA ASN A 146 -32.86 10.05 15.84
C ASN A 146 -32.01 11.18 15.30
N GLY A 147 -30.69 11.04 15.30
CA GLY A 147 -29.79 12.05 14.81
C GLY A 147 -28.97 12.74 15.88
N THR A 148 -29.35 12.58 17.15
CA THR A 148 -28.63 13.21 18.25
C THR A 148 -27.18 12.74 18.28
N GLU A 149 -26.25 13.69 18.41
CA GLU A 149 -24.83 13.40 18.35
C GLU A 149 -24.24 13.29 19.75
N GLY A 150 -23.34 12.33 19.93
CA GLY A 150 -22.53 12.27 21.12
C GLY A 150 -21.41 13.30 21.09
N GLN A 151 -20.68 13.37 22.20
CA GLN A 151 -19.57 14.31 22.26
C GLN A 151 -18.42 13.84 21.39
N PRO A 152 -17.69 14.76 20.77
CA PRO A 152 -16.64 14.36 19.83
C PRO A 152 -15.44 13.73 20.53
N GLN A 153 -14.75 12.88 19.78
CA GLN A 153 -13.43 12.38 20.12
C GLN A 153 -12.51 12.66 18.95
N ALA A 154 -11.35 13.24 19.23
CA ALA A 154 -10.46 13.73 18.19
C ALA A 154 -9.08 13.07 18.29
N ILE A 155 -8.41 13.00 17.15
CA ILE A 155 -7.07 12.44 17.06
C ILE A 155 -6.31 13.18 15.97
N GLU A 156 -5.06 13.51 16.25
CA GLU A 156 -4.16 14.10 15.26
C GLU A 156 -3.06 13.11 14.91
N PHE A 157 -2.74 13.04 13.62
CA PHE A 157 -1.66 12.19 13.13
C PHE A 157 -0.96 12.89 11.98
N ARG A 158 0.31 12.56 11.78
CA ARG A 158 1.08 13.00 10.64
C ARG A 158 1.43 11.79 9.78
N THR A 159 1.12 11.87 8.50
CA THR A 159 1.35 10.78 7.57
C THR A 159 2.81 10.67 7.16
N GLU B 1 3.71 -10.13 36.70
CA GLU B 1 3.28 -8.97 37.49
C GLU B 1 2.59 -7.86 36.69
N PRO B 2 3.07 -7.51 35.49
CA PRO B 2 2.34 -6.51 34.70
C PRO B 2 0.95 -7.00 34.33
N ILE B 3 0.04 -6.05 34.17
CA ILE B 3 -1.32 -6.37 33.76
C ILE B 3 -1.27 -6.74 32.28
N PRO B 4 -2.12 -7.66 31.82
CA PRO B 4 -2.13 -8.01 30.40
C PRO B 4 -2.51 -6.79 29.55
N VAL B 5 -2.03 -6.79 28.31
CA VAL B 5 -2.43 -5.75 27.38
C VAL B 5 -3.95 -5.80 27.19
N SER B 6 -4.53 -4.67 26.79
CA SER B 6 -5.97 -4.55 26.72
C SER B 6 -6.40 -4.01 25.36
N ASP B 7 -7.65 -4.31 25.02
CA ASP B 7 -8.25 -3.91 23.75
C ASP B 7 -7.35 -4.27 22.56
N LEU B 8 -6.89 -5.53 22.57
CA LEU B 8 -6.15 -6.04 21.43
C LEU B 8 -7.08 -6.14 20.23
N ARG B 9 -6.75 -5.42 19.15
CA ARG B 9 -7.62 -5.36 17.98
C ARG B 9 -6.80 -5.55 16.73
N VAL B 10 -7.48 -5.97 15.66
CA VAL B 10 -6.87 -6.17 14.35
C VAL B 10 -7.73 -5.50 13.30
N ALA B 11 -7.07 -4.91 12.30
CA ALA B 11 -7.75 -4.30 11.16
C ALA B 11 -7.04 -4.75 9.89
N LEU B 12 -7.77 -5.42 9.01
CA LEU B 12 -7.23 -5.88 7.73
C LEU B 12 -7.18 -4.68 6.79
N THR B 13 -6.02 -4.02 6.72
CA THR B 13 -5.85 -2.80 5.95
C THR B 13 -5.44 -3.06 4.50
N GLY B 14 -5.59 -4.30 4.03
CA GLY B 14 -5.21 -4.61 2.66
C GLY B 14 -5.31 -6.09 2.41
N VAL B 15 -5.00 -6.45 1.16
CA VAL B 15 -5.08 -7.84 0.74
C VAL B 15 -4.16 -8.71 1.60
N ARG B 16 -2.99 -8.18 1.96
CA ARG B 16 -1.99 -8.94 2.70
C ARG B 16 -1.54 -8.24 3.97
N LYS B 17 -2.27 -7.23 4.44
CA LYS B 17 -1.86 -6.42 5.57
C LYS B 17 -2.84 -6.59 6.73
N ALA B 18 -2.29 -6.67 7.94
CA ALA B 18 -3.08 -6.74 9.17
C ALA B 18 -2.47 -5.78 10.18
N ALA B 19 -3.28 -4.84 10.67
CA ALA B 19 -2.83 -3.84 11.63
C ALA B 19 -3.28 -4.28 13.02
N LEU B 20 -2.33 -4.68 13.85
CA LEU B 20 -2.60 -5.08 15.23
C LEU B 20 -2.26 -3.93 16.17
N SER B 21 -3.10 -3.75 17.19
CA SER B 21 -2.85 -2.71 18.18
C SER B 21 -3.45 -3.11 19.52
N TRP B 22 -2.93 -2.51 20.58
CA TRP B 22 -3.37 -2.80 21.93
C TRP B 22 -2.94 -1.66 22.86
N SER B 23 -3.44 -1.71 24.08
CA SER B 23 -3.10 -0.74 25.12
C SER B 23 -2.19 -1.39 26.15
N ASN B 24 -1.24 -0.61 26.67
CA ASN B 24 -0.28 -1.08 27.66
C ASN B 24 -0.53 -0.41 29.00
N GLY B 25 -0.45 -1.22 30.06
CA GLY B 25 -0.53 -0.68 31.40
C GLY B 25 0.70 0.12 31.76
N ASN B 26 0.59 0.87 32.86
CA ASN B 26 1.68 1.77 33.25
C ASN B 26 2.93 1.01 33.66
N GLY B 27 2.79 -0.22 34.13
CA GLY B 27 3.92 -1.03 34.51
C GLY B 27 4.52 -1.85 33.38
N THR B 28 4.06 -1.65 32.15
CA THR B 28 4.50 -2.45 31.01
C THR B 28 5.67 -1.74 30.31
N ALA B 29 6.83 -2.40 30.31
CA ALA B 29 8.02 -1.85 29.66
C ALA B 29 8.06 -2.19 28.16
N SER B 30 7.78 -3.44 27.82
CA SER B 30 7.76 -3.87 26.43
C SER B 30 6.73 -4.98 26.29
N CYS B 31 6.61 -5.51 25.07
CA CYS B 31 5.68 -6.59 24.79
C CYS B 31 6.35 -7.63 23.92
N ARG B 32 5.90 -8.88 24.09
CA ARG B 32 6.37 -10.01 23.30
C ARG B 32 5.19 -10.56 22.51
N LEU B 34 3.90 -13.69 19.97
CA LEU B 34 4.03 -14.97 19.28
C LEU B 34 2.98 -15.01 18.17
N LEU B 35 3.45 -15.06 16.92
CA LEU B 35 2.58 -15.01 15.76
C LEU B 35 2.65 -16.35 15.04
N GLU B 36 1.48 -16.94 14.79
CA GLU B 36 1.41 -18.29 14.25
C GLU B 36 0.32 -18.37 13.19
N SER B 37 0.60 -19.13 12.12
CA SER B 37 -0.45 -19.56 11.23
C SER B 37 -1.21 -20.73 11.84
N ILE B 38 -2.43 -20.95 11.37
CA ILE B 38 -3.28 -21.98 11.95
C ILE B 38 -3.54 -23.10 10.95
N ASP B 47 1.43 -25.26 3.04
CA ASP B 47 2.55 -24.47 2.54
C ASP B 47 3.09 -23.54 3.62
N SER B 48 2.55 -22.32 3.64
CA SER B 48 3.19 -21.19 4.31
C SER B 48 2.91 -21.23 5.82
N ARG B 49 3.51 -22.23 6.47
CA ARG B 49 3.53 -22.26 7.93
C ARG B 49 4.30 -21.06 8.45
N LEU B 50 3.88 -20.55 9.60
CA LEU B 50 4.54 -19.41 10.23
C LEU B 50 4.55 -19.58 11.73
N GLN B 51 5.70 -19.32 12.34
CA GLN B 51 5.81 -19.32 13.80
C GLN B 51 7.03 -18.50 14.17
N VAL B 52 6.81 -17.23 14.53
CA VAL B 52 7.87 -16.31 14.92
C VAL B 52 7.51 -15.71 16.26
N ASN B 53 8.53 -15.46 17.08
CA ASN B 53 8.36 -14.81 18.38
C ASN B 53 9.12 -13.49 18.35
N ILE B 54 8.37 -12.39 18.43
CA ILE B 54 8.93 -11.05 18.33
C ILE B 54 8.92 -10.42 19.71
N SER B 55 10.07 -9.91 20.14
CA SER B 55 10.21 -9.27 21.44
C SER B 55 10.64 -7.82 21.26
N GLY B 56 10.54 -7.05 22.33
CA GLY B 56 10.93 -5.66 22.31
C GLY B 56 9.92 -4.71 21.71
N LEU B 57 8.64 -5.09 21.69
CA LEU B 57 7.59 -4.22 21.17
C LEU B 57 7.24 -3.19 22.25
N LYS B 58 7.67 -1.94 22.04
CA LYS B 58 7.56 -0.95 23.10
C LYS B 58 6.29 -0.12 22.96
N PRO B 59 5.75 0.36 24.07
CA PRO B 59 4.56 1.22 24.01
C PRO B 59 4.89 2.54 23.31
N GLY B 60 3.92 3.04 22.55
CA GLY B 60 4.07 4.27 21.81
C GLY B 60 4.69 4.12 20.44
N VAL B 61 5.30 2.98 20.15
CA VAL B 61 5.99 2.75 18.88
C VAL B 61 5.08 1.97 17.95
N GLN B 62 5.18 2.27 16.66
CA GLN B 62 4.53 1.48 15.61
C GLN B 62 5.59 0.72 14.83
N TYR B 63 5.31 -0.55 14.53
CA TYR B 63 6.26 -1.42 13.85
C TYR B 63 5.65 -1.93 12.55
N ASN B 64 6.52 -2.15 11.57
CA ASN B 64 6.15 -2.73 10.28
C ASN B 64 7.01 -3.98 10.08
N ILE B 65 6.35 -5.14 10.03
CA ILE B 65 7.06 -6.41 10.10
C ILE B 65 6.53 -7.33 9.00
N ASN B 66 7.44 -7.81 8.16
CA ASN B 66 7.21 -8.96 7.30
C ASN B 66 7.57 -10.20 8.12
N PRO B 67 6.59 -10.93 8.66
CA PRO B 67 6.94 -12.04 9.56
C PRO B 67 7.67 -13.18 8.87
N TYR B 68 7.46 -13.36 7.57
CA TYR B 68 8.21 -14.39 6.84
C TYR B 68 9.65 -13.95 6.58
N LEU B 69 9.92 -12.64 6.63
CA LEU B 69 11.30 -12.17 6.58
C LEU B 69 12.03 -12.50 7.88
N LEU B 70 11.38 -12.26 9.02
CA LEU B 70 11.99 -12.57 10.30
C LEU B 70 12.16 -14.07 10.50
N GLN B 71 11.24 -14.87 9.98
CA GLN B 71 11.34 -16.31 10.09
C GLN B 71 12.52 -16.87 9.30
N SER B 72 12.91 -16.20 8.21
CA SER B 72 14.02 -16.63 7.37
C SER B 72 15.30 -16.84 8.17
N SER B 120 -1.42 6.94 25.05
CA SER B 120 -0.80 6.02 24.12
C SER B 120 0.73 6.10 24.20
N ARG B 121 1.43 5.19 24.90
CA ARG B 121 0.95 4.03 25.67
C ARG B 121 0.21 2.95 24.85
N ASP B 122 0.13 3.15 23.54
CA ASP B 122 -0.43 2.18 22.62
C ASP B 122 0.68 1.66 21.71
N THR B 123 0.55 0.41 21.29
CA THR B 123 1.50 -0.19 20.35
C THR B 123 0.74 -0.64 19.11
N GLU B 124 1.28 -0.30 17.95
CA GLU B 124 0.75 -0.75 16.67
C GLU B 124 1.80 -1.60 15.98
N VAL B 125 1.38 -2.72 15.41
CA VAL B 125 2.25 -3.59 14.64
C VAL B 125 1.53 -3.87 13.33
N LEU B 126 2.09 -3.37 12.23
CA LEU B 126 1.56 -3.65 10.90
C LEU B 126 2.27 -4.88 10.34
N LEU B 127 1.50 -5.92 10.06
CA LEU B 127 2.03 -7.15 9.48
C LEU B 127 1.80 -7.13 7.98
N VAL B 128 2.87 -7.26 7.20
CA VAL B 128 2.81 -7.12 5.75
C VAL B 128 3.25 -8.43 5.11
N GLY B 129 2.76 -8.66 3.89
CA GLY B 129 3.12 -9.85 3.16
C GLY B 129 2.45 -11.13 3.62
N LEU B 130 1.39 -11.02 4.41
CA LEU B 130 0.69 -12.22 4.88
C LEU B 130 0.05 -12.96 3.71
N GLU B 131 -0.10 -14.27 3.88
CA GLU B 131 -0.72 -15.07 2.82
C GLU B 131 -2.23 -14.87 2.85
N PRO B 132 -2.86 -14.55 1.72
CA PRO B 132 -4.31 -14.30 1.72
C PRO B 132 -5.10 -15.55 2.04
N GLY B 133 -6.25 -15.34 2.68
CA GLY B 133 -7.12 -16.45 3.04
C GLY B 133 -6.54 -17.41 4.05
N THR B 134 -5.57 -16.97 4.83
CA THR B 134 -4.92 -17.83 5.82
C THR B 134 -5.20 -17.30 7.21
N ARG B 135 -5.51 -18.21 8.13
CA ARG B 135 -5.83 -17.87 9.50
C ARG B 135 -4.55 -17.73 10.32
N TYR B 136 -4.40 -16.59 10.97
CA TYR B 136 -3.26 -16.31 11.84
C TYR B 136 -3.75 -16.14 13.26
N ASN B 137 -2.83 -16.33 14.20
CA ASN B 137 -3.10 -16.14 15.62
C ASN B 137 -1.97 -15.33 16.22
N ALA B 138 -2.31 -14.25 16.90
CA ALA B 138 -1.35 -13.38 17.55
C ALA B 138 -1.57 -13.42 19.06
N THR B 139 -0.49 -13.59 19.81
CA THR B 139 -0.55 -13.64 21.27
C THR B 139 0.47 -12.65 21.83
N VAL B 140 -0.02 -11.69 22.60
CA VAL B 140 0.80 -10.59 23.09
C VAL B 140 0.99 -10.74 24.59
N TYR B 141 2.24 -10.70 25.04
CA TYR B 141 2.60 -10.75 26.45
C TYR B 141 3.16 -9.40 26.86
N SER B 142 2.53 -8.78 27.86
CA SER B 142 3.11 -7.58 28.44
C SER B 142 4.31 -7.96 29.30
N GLN B 143 5.26 -7.03 29.42
CA GLN B 143 6.49 -7.29 30.16
C GLN B 143 6.87 -6.06 30.98
N ALA B 144 7.17 -6.29 32.26
CA ALA B 144 7.65 -5.23 33.13
C ALA B 144 9.13 -4.98 32.86
N ALA B 145 9.64 -3.88 33.42
CA ALA B 145 11.06 -3.57 33.29
C ALA B 145 11.93 -4.67 33.86
N ASN B 146 11.44 -5.34 34.92
CA ASN B 146 12.12 -6.51 35.45
C ASN B 146 12.30 -7.56 34.36
N GLY B 147 11.28 -7.74 33.51
CA GLY B 147 11.24 -8.80 32.53
C GLY B 147 10.15 -9.82 32.79
N THR B 148 9.47 -9.72 33.92
CA THR B 148 8.36 -10.61 34.20
C THR B 148 7.24 -10.39 33.19
N GLU B 149 6.64 -11.49 32.75
CA GLU B 149 5.62 -11.46 31.70
C GLU B 149 4.23 -11.46 32.31
N GLY B 150 3.34 -10.65 31.74
CA GLY B 150 1.95 -10.69 32.09
C GLY B 150 1.22 -11.81 31.39
N GLN B 151 -0.04 -12.00 31.76
CA GLN B 151 -0.83 -13.05 31.15
C GLN B 151 -1.11 -12.73 29.69
N PRO B 152 -1.20 -13.74 28.83
CA PRO B 152 -1.29 -13.49 27.39
C PRO B 152 -2.68 -13.05 26.95
N GLN B 153 -2.69 -12.19 25.93
CA GLN B 153 -3.91 -11.80 25.23
C GLN B 153 -3.77 -12.24 23.78
N ALA B 154 -4.74 -12.98 23.29
CA ALA B 154 -4.66 -13.60 21.97
C ALA B 154 -5.78 -13.13 21.07
N ILE B 155 -5.52 -13.20 19.77
CA ILE B 155 -6.50 -12.85 18.74
C ILE B 155 -6.18 -13.65 17.48
N GLU B 156 -7.22 -14.13 16.81
CA GLU B 156 -7.06 -14.80 15.52
C GLU B 156 -7.82 -14.01 14.47
N PHE B 157 -7.25 -13.97 13.26
CA PHE B 157 -7.84 -13.22 12.17
C PHE B 157 -7.53 -13.92 10.86
N ARG B 158 -8.38 -13.72 9.86
CA ARG B 158 -8.19 -14.26 8.53
C ARG B 158 -7.92 -13.11 7.56
N THR B 159 -6.80 -13.19 6.85
CA THR B 159 -6.44 -12.18 5.87
C THR B 159 -7.35 -12.25 4.64
N GLU C 1 10.45 19.93 -31.36
CA GLU C 1 9.90 18.91 -32.25
C GLU C 1 10.19 17.50 -31.73
N PRO C 2 9.72 17.19 -30.52
CA PRO C 2 10.04 15.88 -29.93
C PRO C 2 9.16 14.78 -30.51
N ILE C 3 9.71 13.57 -30.50
CA ILE C 3 8.95 12.40 -30.93
C ILE C 3 7.98 12.04 -29.80
N PRO C 4 6.85 11.41 -30.09
CA PRO C 4 5.91 11.07 -29.02
C PRO C 4 6.54 10.08 -28.03
N VAL C 5 6.00 10.07 -26.82
CA VAL C 5 6.40 9.03 -25.88
C VAL C 5 6.07 7.67 -26.48
N SER C 6 6.80 6.65 -26.03
CA SER C 6 6.64 5.33 -26.62
C SER C 6 6.51 4.29 -25.52
N ASP C 7 5.83 3.20 -25.84
CA ASP C 7 5.56 2.11 -24.91
C ASP C 7 4.89 2.62 -23.63
N LEU C 8 3.80 3.35 -23.82
CA LEU C 8 2.99 3.80 -22.68
C LEU C 8 2.14 2.63 -22.20
N ARG C 9 2.26 2.30 -20.91
CA ARG C 9 1.54 1.17 -20.34
C ARG C 9 1.11 1.49 -18.92
N VAL C 10 0.20 0.67 -18.40
CA VAL C 10 -0.35 0.85 -17.05
C VAL C 10 -0.37 -0.50 -16.36
N ALA C 11 -0.03 -0.50 -15.07
CA ALA C 11 -0.15 -1.68 -14.22
C ALA C 11 -1.07 -1.34 -13.06
N LEU C 12 -2.16 -2.11 -12.93
CA LEU C 12 -3.08 -1.96 -11.80
C LEU C 12 -2.47 -2.67 -10.60
N THR C 13 -1.62 -1.95 -9.86
CA THR C 13 -0.86 -2.52 -8.76
C THR C 13 -1.62 -2.50 -7.44
N GLY C 14 -2.93 -2.39 -7.47
CA GLY C 14 -3.70 -2.37 -6.25
C GLY C 14 -5.14 -2.02 -6.53
N VAL C 15 -5.91 -1.95 -5.43
CA VAL C 15 -7.34 -1.64 -5.54
C VAL C 15 -7.54 -0.27 -6.15
N ARG C 16 -6.74 0.71 -5.72
CA ARG C 16 -6.93 2.10 -6.11
C ARG C 16 -5.68 2.71 -6.73
N LYS C 17 -4.72 1.90 -7.14
CA LYS C 17 -3.45 2.38 -7.66
C LYS C 17 -3.24 1.93 -9.09
N ALA C 18 -2.66 2.82 -9.90
CA ALA C 18 -2.31 2.51 -11.27
C ALA C 18 -0.95 3.12 -11.56
N ALA C 19 0.01 2.28 -11.94
CA ALA C 19 1.35 2.73 -12.27
C ALA C 19 1.43 2.93 -13.78
N LEU C 20 1.59 4.17 -14.21
CA LEU C 20 1.75 4.50 -15.62
C LEU C 20 3.22 4.78 -15.92
N SER C 21 3.68 4.32 -17.08
CA SER C 21 5.07 4.49 -17.43
C SER C 21 5.21 4.56 -18.95
N TRP C 22 6.27 5.23 -19.40
CA TRP C 22 6.57 5.35 -20.81
C TRP C 22 8.06 5.64 -20.95
N SER C 23 8.53 5.62 -22.20
CA SER C 23 9.91 5.95 -22.51
C SER C 23 9.94 7.24 -23.32
N ASN C 24 10.89 8.12 -23.00
CA ASN C 24 11.02 9.41 -23.65
C ASN C 24 12.15 9.39 -24.66
N GLY C 25 11.91 9.94 -25.83
CA GLY C 25 12.95 10.09 -26.83
C GLY C 25 14.06 11.00 -26.34
N ASN C 26 15.18 10.96 -27.07
CA ASN C 26 16.37 11.70 -26.65
C ASN C 26 16.18 13.21 -26.72
N GLY C 27 15.17 13.69 -27.44
CA GLY C 27 14.94 15.12 -27.54
C GLY C 27 13.77 15.59 -26.68
N THR C 28 13.39 14.79 -25.70
CA THR C 28 12.25 15.09 -24.84
C THR C 28 12.76 15.66 -23.52
N ALA C 29 12.28 16.85 -23.17
CA ALA C 29 12.71 17.53 -21.95
C ALA C 29 11.79 17.25 -20.77
N SER C 30 10.49 17.36 -20.99
CA SER C 30 9.50 17.03 -19.95
C SER C 30 8.26 16.48 -20.63
N CYS C 31 7.25 16.16 -19.84
CA CYS C 31 6.01 15.61 -20.35
C CYS C 31 4.81 16.25 -19.66
N ARG C 32 3.75 16.47 -20.43
CA ARG C 32 2.46 16.86 -19.89
C ARG C 32 1.52 15.66 -19.97
N LEU C 34 -2.62 14.63 -19.48
CA LEU C 34 -4.02 14.96 -19.25
C LEU C 34 -4.73 13.69 -18.80
N LEU C 35 -5.27 13.71 -17.58
CA LEU C 35 -5.90 12.55 -16.99
C LEU C 35 -7.36 12.86 -16.69
N GLU C 36 -8.26 12.02 -17.22
CA GLU C 36 -9.69 12.22 -17.02
C GLU C 36 -10.37 10.88 -16.78
N SER C 37 -11.49 10.93 -16.05
CA SER C 37 -12.39 9.79 -15.96
C SER C 37 -13.32 9.77 -17.17
N ILE C 38 -13.80 8.58 -17.50
CA ILE C 38 -14.65 8.42 -18.68
C ILE C 38 -16.08 8.08 -18.28
N ASP C 47 -18.36 13.30 -6.75
CA ASP C 47 -18.15 11.91 -7.14
C ASP C 47 -16.77 11.71 -7.77
N SER C 48 -16.66 10.69 -8.62
CA SER C 48 -15.37 10.23 -9.13
C SER C 48 -14.96 10.88 -10.44
N ARG C 49 -15.74 11.81 -10.97
CA ARG C 49 -15.37 12.46 -12.22
C ARG C 49 -14.12 13.32 -12.03
N LEU C 50 -13.26 13.31 -13.04
CA LEU C 50 -11.92 13.87 -12.89
C LEU C 50 -11.43 14.44 -14.22
N GLN C 51 -10.73 15.56 -14.15
CA GLN C 51 -9.96 16.08 -15.28
C GLN C 51 -8.86 16.97 -14.71
N VAL C 52 -7.62 16.56 -14.87
CA VAL C 52 -6.48 17.26 -14.29
C VAL C 52 -5.34 17.30 -15.30
N ASN C 53 -4.62 18.42 -15.32
CA ASN C 53 -3.58 18.69 -16.31
C ASN C 53 -2.25 18.82 -15.57
N ILE C 54 -1.43 17.76 -15.60
CA ILE C 54 -0.18 17.72 -14.86
C ILE C 54 0.97 17.94 -15.84
N SER C 55 1.78 18.94 -15.56
CA SER C 55 2.98 19.23 -16.35
C SER C 55 4.22 19.04 -15.49
N GLY C 56 5.38 19.02 -16.16
CA GLY C 56 6.65 18.90 -15.48
C GLY C 56 7.12 17.48 -15.22
N LEU C 57 6.49 16.48 -15.81
CA LEU C 57 6.92 15.10 -15.64
C LEU C 57 8.26 14.89 -16.33
N LYS C 58 9.33 14.75 -15.54
CA LYS C 58 10.67 14.68 -16.10
C LYS C 58 11.06 13.23 -16.38
N PRO C 59 11.90 13.01 -17.41
CA PRO C 59 12.41 11.67 -17.66
C PRO C 59 13.35 11.22 -16.54
N GLY C 60 13.23 9.96 -16.16
CA GLY C 60 14.05 9.39 -15.11
C GLY C 60 13.48 9.50 -13.72
N VAL C 61 12.33 10.14 -13.55
CA VAL C 61 11.74 10.38 -12.24
C VAL C 61 10.44 9.60 -12.13
N GLN C 62 10.18 9.04 -10.95
CA GLN C 62 8.89 8.45 -10.63
C GLN C 62 8.10 9.42 -9.78
N TYR C 63 6.83 9.62 -10.13
CA TYR C 63 5.94 10.50 -9.39
C TYR C 63 4.83 9.70 -8.72
N ASN C 64 4.37 10.20 -7.57
CA ASN C 64 3.26 9.61 -6.82
C ASN C 64 2.19 10.69 -6.70
N ILE C 65 1.05 10.48 -7.35
CA ILE C 65 0.04 11.51 -7.53
C ILE C 65 -1.32 11.00 -7.08
N ASN C 66 -1.98 11.76 -6.20
CA ASN C 66 -3.40 11.66 -5.95
C ASN C 66 -4.09 12.67 -6.87
N PRO C 67 -4.64 12.23 -8.00
CA PRO C 67 -5.17 13.20 -8.97
C PRO C 67 -6.33 14.02 -8.45
N TYR C 68 -7.06 13.52 -7.46
CA TYR C 68 -8.15 14.29 -6.88
C TYR C 68 -7.64 15.37 -5.93
N LEU C 69 -6.44 15.17 -5.37
CA LEU C 69 -5.82 16.22 -4.56
C LEU C 69 -5.43 17.41 -5.43
N LEU C 70 -4.74 17.16 -6.54
CA LEU C 70 -4.36 18.24 -7.45
C LEU C 70 -5.59 18.89 -8.06
N GLN C 71 -6.61 18.10 -8.37
CA GLN C 71 -7.84 18.66 -8.92
C GLN C 71 -8.49 19.63 -7.95
N SER C 72 -8.60 19.23 -6.69
CA SER C 72 -9.15 20.10 -5.65
C SER C 72 -8.08 21.05 -5.11
N ARG C 121 15.80 6.58 -18.43
CA ARG C 121 15.20 7.69 -19.16
C ARG C 121 13.69 7.52 -19.24
N ASP C 122 13.18 6.45 -18.64
CA ASP C 122 11.74 6.26 -18.54
C ASP C 122 11.15 7.23 -17.51
N THR C 123 9.83 7.36 -17.54
CA THR C 123 9.10 8.13 -16.55
C THR C 123 8.02 7.25 -15.95
N GLU C 124 7.87 7.30 -14.63
CA GLU C 124 6.86 6.54 -13.92
C GLU C 124 5.94 7.51 -13.19
N VAL C 125 4.64 7.29 -13.32
CA VAL C 125 3.64 8.06 -12.59
C VAL C 125 2.74 7.07 -11.88
N LEU C 126 2.81 7.04 -10.55
CA LEU C 126 1.92 6.21 -9.76
C LEU C 126 0.70 7.03 -9.35
N LEU C 127 -0.47 6.61 -9.83
CA LEU C 127 -1.73 7.26 -9.50
C LEU C 127 -2.37 6.53 -8.33
N VAL C 128 -2.61 7.25 -7.23
CA VAL C 128 -3.17 6.66 -6.03
C VAL C 128 -4.52 7.29 -5.72
N GLY C 129 -5.35 6.54 -4.99
CA GLY C 129 -6.65 7.03 -4.59
C GLY C 129 -7.71 7.00 -5.65
N LEU C 130 -7.50 6.23 -6.73
CA LEU C 130 -8.47 6.18 -7.81
C LEU C 130 -9.74 5.47 -7.38
N GLU C 131 -10.85 5.87 -7.98
CA GLU C 131 -12.11 5.19 -7.72
C GLU C 131 -12.08 3.80 -8.35
N PRO C 132 -12.36 2.75 -7.58
CA PRO C 132 -12.36 1.40 -8.16
C PRO C 132 -13.51 1.21 -9.13
N GLY C 133 -13.26 0.37 -10.14
CA GLY C 133 -14.28 0.12 -11.15
C GLY C 133 -14.60 1.31 -12.03
N THR C 134 -13.72 2.30 -12.09
CA THR C 134 -13.91 3.49 -12.91
C THR C 134 -12.92 3.48 -14.06
N ARG C 135 -13.40 3.85 -15.25
CA ARG C 135 -12.56 3.92 -16.43
C ARG C 135 -11.86 5.27 -16.50
N TYR C 136 -10.55 5.24 -16.71
CA TYR C 136 -9.74 6.44 -16.77
C TYR C 136 -9.03 6.53 -18.12
N ASN C 137 -8.62 7.74 -18.47
CA ASN C 137 -7.93 8.00 -19.73
C ASN C 137 -6.72 8.89 -19.45
N ALA C 138 -5.54 8.43 -19.84
CA ALA C 138 -4.31 9.19 -19.67
C ALA C 138 -3.73 9.51 -21.05
N THR C 139 -3.42 10.79 -21.27
CA THR C 139 -2.85 11.26 -22.52
C THR C 139 -1.56 12.00 -22.19
N VAL C 140 -0.46 11.57 -22.80
CA VAL C 140 0.87 12.08 -22.47
C VAL C 140 1.45 12.79 -23.68
N TYR C 141 1.91 14.02 -23.47
CA TYR C 141 2.52 14.84 -24.51
C TYR C 141 3.99 15.02 -24.20
N SER C 142 4.85 14.53 -25.08
CA SER C 142 6.27 14.85 -24.97
C SER C 142 6.47 16.34 -25.20
N GLN C 143 7.51 16.90 -24.58
CA GLN C 143 7.79 18.32 -24.68
C GLN C 143 9.28 18.54 -24.87
N ALA C 144 9.63 19.28 -25.91
CA ALA C 144 11.01 19.70 -26.10
C ALA C 144 11.33 20.88 -25.19
N ALA C 145 12.62 21.22 -25.13
CA ALA C 145 13.04 22.31 -24.25
C ALA C 145 12.39 23.63 -24.64
N ASN C 146 12.24 23.88 -25.93
CA ASN C 146 11.66 25.13 -26.43
C ASN C 146 10.13 25.17 -26.31
N GLY C 147 9.53 24.26 -25.55
CA GLY C 147 8.11 24.25 -25.33
C GLY C 147 7.30 23.50 -26.36
N THR C 148 7.91 23.09 -27.48
CA THR C 148 7.18 22.39 -28.52
C THR C 148 6.65 21.05 -28.00
N GLU C 149 5.35 20.85 -28.15
CA GLU C 149 4.71 19.60 -27.74
C GLU C 149 4.71 18.60 -28.88
N GLY C 150 5.01 17.35 -28.55
CA GLY C 150 4.87 16.26 -29.51
C GLY C 150 3.45 15.76 -29.59
N GLN C 151 3.21 14.86 -30.54
CA GLN C 151 1.87 14.32 -30.71
C GLN C 151 1.54 13.40 -29.53
N PRO C 152 0.28 13.40 -29.08
CA PRO C 152 -0.06 12.68 -27.86
C PRO C 152 -0.07 11.17 -28.04
N GLN C 153 0.24 10.46 -26.96
CA GLN C 153 0.01 9.04 -26.83
C GLN C 153 -0.99 8.82 -25.69
N ALA C 154 -2.04 8.05 -25.96
CA ALA C 154 -3.15 7.92 -25.03
C ALA C 154 -3.34 6.46 -24.63
N ILE C 155 -3.91 6.27 -23.44
CA ILE C 155 -4.18 4.94 -22.93
C ILE C 155 -5.38 5.01 -22.00
N GLU C 156 -6.29 4.04 -22.15
CA GLU C 156 -7.42 3.88 -21.25
C GLU C 156 -7.21 2.67 -20.36
N PHE C 157 -7.74 2.75 -19.15
CA PHE C 157 -7.67 1.62 -18.22
C PHE C 157 -8.78 1.76 -17.18
N ARG C 158 -9.18 0.62 -16.62
CA ARG C 158 -10.18 0.57 -15.57
C ARG C 158 -9.57 -0.01 -14.30
N THR C 159 -9.82 0.63 -13.17
CA THR C 159 -9.31 0.15 -11.89
C THR C 159 -10.20 -0.94 -11.32
N GLU D 1 16.48 -19.52 -27.14
CA GLU D 1 15.64 -19.60 -28.33
C GLU D 1 14.64 -18.44 -28.45
N PRO D 2 13.85 -18.15 -27.41
CA PRO D 2 12.95 -16.99 -27.49
C PRO D 2 13.72 -15.70 -27.34
N ILE D 3 13.07 -14.60 -27.70
CA ILE D 3 13.68 -13.28 -27.58
C ILE D 3 13.64 -12.87 -26.11
N PRO D 4 14.61 -12.09 -25.64
CA PRO D 4 14.56 -11.62 -24.24
C PRO D 4 13.34 -10.74 -24.01
N VAL D 5 12.94 -10.66 -22.74
CA VAL D 5 11.86 -9.75 -22.38
C VAL D 5 12.32 -8.31 -22.62
N SER D 6 11.37 -7.43 -22.88
CA SER D 6 11.68 -6.05 -23.25
C SER D 6 10.94 -5.09 -22.35
N ASP D 7 11.50 -3.89 -22.24
CA ASP D 7 10.89 -2.80 -21.48
C ASP D 7 10.63 -3.22 -20.04
N LEU D 8 11.61 -3.91 -19.46
CA LEU D 8 11.52 -4.32 -18.08
C LEU D 8 11.63 -3.10 -17.17
N ARG D 9 10.58 -2.82 -16.41
CA ARG D 9 10.51 -1.62 -15.59
C ARG D 9 10.12 -1.97 -14.16
N VAL D 10 10.48 -1.09 -13.24
CA VAL D 10 10.11 -1.21 -11.83
C VAL D 10 9.50 0.12 -11.37
N ALA D 11 8.48 0.03 -10.53
CA ALA D 11 7.89 1.20 -9.89
C ALA D 11 7.77 0.92 -8.40
N LEU D 12 8.33 1.82 -7.60
CA LEU D 12 8.26 1.72 -6.14
C LEU D 12 6.90 2.25 -5.70
N THR D 13 5.95 1.33 -5.46
CA THR D 13 4.59 1.69 -5.12
C THR D 13 4.33 1.70 -3.63
N GLY D 14 5.37 1.58 -2.81
CA GLY D 14 5.22 1.58 -1.37
C GLY D 14 6.59 1.53 -0.72
N VAL D 15 6.57 1.64 0.62
CA VAL D 15 7.82 1.58 1.38
C VAL D 15 8.49 0.22 1.20
N ARG D 16 7.68 -0.82 1.02
CA ARG D 16 8.16 -2.19 0.94
C ARG D 16 7.64 -2.90 -0.30
N LYS D 17 7.13 -2.16 -1.28
CA LYS D 17 6.54 -2.74 -2.47
C LYS D 17 7.20 -2.20 -3.72
N ALA D 18 7.40 -3.08 -4.69
CA ALA D 18 7.93 -2.72 -6.00
C ALA D 18 7.20 -3.53 -7.06
N ALA D 19 6.74 -2.85 -8.11
CA ALA D 19 5.97 -3.47 -9.17
C ALA D 19 6.87 -3.64 -10.40
N LEU D 20 7.19 -4.88 -10.72
CA LEU D 20 7.98 -5.20 -11.90
C LEU D 20 7.05 -5.58 -13.06
N SER D 21 7.40 -5.12 -14.25
CA SER D 21 6.60 -5.41 -15.44
C SER D 21 7.52 -5.48 -16.65
N TRP D 22 7.11 -6.26 -17.65
CA TRP D 22 7.88 -6.39 -18.87
C TRP D 22 6.96 -6.89 -19.97
N SER D 23 7.46 -6.85 -21.20
CA SER D 23 6.75 -7.35 -22.37
C SER D 23 7.38 -8.65 -22.84
N ASN D 24 6.56 -9.56 -23.34
CA ASN D 24 6.99 -10.87 -23.79
C ASN D 24 6.84 -11.00 -25.29
N GLY D 25 7.84 -11.60 -25.93
CA GLY D 25 7.74 -11.94 -27.33
C GLY D 25 6.68 -13.01 -27.58
N ASN D 26 6.35 -13.17 -28.85
CA ASN D 26 5.29 -14.11 -29.21
C ASN D 26 5.70 -15.56 -29.00
N GLY D 27 7.00 -15.85 -29.06
CA GLY D 27 7.49 -17.19 -28.79
C GLY D 27 7.74 -17.49 -27.34
N THR D 28 7.31 -16.63 -26.43
CA THR D 28 7.56 -16.77 -25.00
C THR D 28 6.33 -17.38 -24.33
N ALA D 29 6.52 -18.52 -23.68
CA ALA D 29 5.44 -19.21 -22.97
C ALA D 29 5.42 -18.91 -21.48
N SER D 30 6.56 -18.61 -20.88
CA SER D 30 6.65 -18.34 -19.45
C SER D 30 7.95 -17.60 -19.18
N CYS D 31 8.14 -17.20 -17.93
CA CYS D 31 9.33 -16.45 -17.54
C CYS D 31 9.84 -16.95 -16.20
N ARG D 32 11.16 -16.85 -16.02
CA ARG D 32 11.81 -17.18 -14.77
C ARG D 32 12.51 -15.92 -14.26
N LEU D 34 15.10 -14.52 -11.30
CA LEU D 34 16.05 -14.69 -10.21
C LEU D 34 16.10 -13.37 -9.45
N LEU D 35 15.62 -13.38 -8.22
CA LEU D 35 15.52 -12.19 -7.39
C LEU D 35 16.51 -12.31 -6.25
N GLU D 36 17.40 -11.32 -6.13
CA GLU D 36 18.46 -11.35 -5.14
C GLU D 36 18.60 -9.98 -4.48
N SER D 37 18.98 -10.00 -3.20
CA SER D 37 19.41 -8.79 -2.53
C SER D 37 20.87 -8.49 -2.88
N ILE D 38 21.26 -7.23 -2.70
CA ILE D 38 22.62 -6.78 -2.95
C ILE D 38 23.14 -6.13 -1.67
N GLY D 39 24.33 -6.54 -1.24
CA GLY D 39 24.93 -6.00 -0.03
C GLY D 39 26.18 -6.75 0.39
N GLN D 46 20.66 -8.47 9.01
CA GLN D 46 20.83 -9.00 7.66
C GLN D 46 20.04 -10.29 7.46
N ASP D 47 18.90 -10.40 8.15
CA ASP D 47 17.92 -11.43 7.83
C ASP D 47 17.15 -11.11 6.56
N SER D 48 17.43 -9.96 5.94
CA SER D 48 16.80 -9.54 4.70
C SER D 48 17.54 -10.05 3.46
N ARG D 49 18.65 -10.77 3.64
CA ARG D 49 19.33 -11.36 2.49
C ARG D 49 18.40 -12.31 1.76
N LEU D 50 18.38 -12.22 0.44
CA LEU D 50 17.38 -12.92 -0.35
C LEU D 50 18.01 -13.45 -1.63
N GLN D 51 17.66 -14.69 -1.97
CA GLN D 51 18.01 -15.29 -3.25
C GLN D 51 16.94 -16.32 -3.55
N VAL D 52 16.07 -16.03 -4.51
CA VAL D 52 14.91 -16.87 -4.78
C VAL D 52 14.69 -16.95 -6.28
N ASN D 53 14.30 -18.14 -6.74
CA ASN D 53 14.16 -18.45 -8.17
C ASN D 53 12.68 -18.71 -8.46
N ILE D 54 11.98 -17.68 -8.93
CA ILE D 54 10.55 -17.79 -9.22
C ILE D 54 10.38 -18.18 -10.68
N SER D 55 9.66 -19.27 -10.92
CA SER D 55 9.35 -19.74 -12.26
C SER D 55 7.84 -19.76 -12.45
N GLY D 56 7.43 -20.06 -13.68
CA GLY D 56 6.01 -20.15 -14.00
C GLY D 56 5.32 -18.81 -14.16
N LEU D 57 6.06 -17.75 -14.45
CA LEU D 57 5.47 -16.42 -14.64
C LEU D 57 4.99 -16.30 -16.08
N LYS D 58 3.68 -16.31 -16.27
CA LYS D 58 3.05 -16.37 -17.58
C LYS D 58 2.89 -14.99 -18.18
N PRO D 59 2.82 -14.90 -19.50
CA PRO D 59 2.44 -13.64 -20.14
C PRO D 59 0.95 -13.37 -19.94
N GLY D 60 0.62 -12.12 -19.63
CA GLY D 60 -0.75 -11.73 -19.41
C GLY D 60 -1.26 -11.87 -18.00
N VAL D 61 -0.42 -12.30 -17.06
CA VAL D 61 -0.84 -12.54 -15.69
C VAL D 61 -0.08 -11.61 -14.76
N GLN D 62 -0.78 -11.10 -13.74
CA GLN D 62 -0.18 -10.32 -12.67
C GLN D 62 -0.02 -11.18 -11.43
N TYR D 63 1.11 -11.03 -10.74
CA TYR D 63 1.41 -11.81 -9.55
C TYR D 63 1.72 -10.90 -8.38
N ASN D 64 1.33 -11.35 -7.18
CA ASN D 64 1.65 -10.69 -5.93
C ASN D 64 2.48 -11.66 -5.10
N ILE D 65 3.73 -11.30 -4.84
CA ILE D 65 4.72 -12.23 -4.31
C ILE D 65 5.39 -11.61 -3.10
N ASN D 66 5.33 -12.31 -1.96
CA ASN D 66 6.19 -12.07 -0.81
C ASN D 66 7.42 -12.95 -1.00
N PRO D 67 8.52 -12.39 -1.51
CA PRO D 67 9.67 -13.24 -1.84
C PRO D 67 10.28 -13.94 -0.63
N TYR D 68 10.14 -13.37 0.55
CA TYR D 68 10.62 -14.03 1.76
C TYR D 68 9.70 -15.15 2.20
N LEU D 69 8.42 -15.12 1.79
CA LEU D 69 7.55 -16.27 2.01
C LEU D 69 7.94 -17.44 1.11
N LEU D 70 8.26 -17.15 -0.15
CA LEU D 70 8.67 -18.21 -1.07
C LEU D 70 10.05 -18.75 -0.72
N GLN D 71 10.96 -17.88 -0.29
CA GLN D 71 12.29 -18.32 0.11
C GLN D 71 12.20 -19.22 1.34
N SER D 72 11.44 -18.81 2.34
CA SER D 72 11.23 -19.63 3.54
C SER D 72 10.17 -20.69 3.29
N SER D 120 -1.26 -6.94 -23.49
CA SER D 120 -1.91 -8.17 -23.06
C SER D 120 -0.91 -9.32 -22.98
N ARG D 121 0.24 -9.15 -23.63
CA ARG D 121 1.34 -10.09 -23.54
C ARG D 121 2.32 -9.71 -22.43
N ASP D 122 1.97 -8.73 -21.60
CA ASP D 122 2.84 -8.28 -20.52
C ASP D 122 2.65 -9.15 -19.28
N THR D 123 3.69 -9.19 -18.46
CA THR D 123 3.64 -9.82 -17.15
C THR D 123 3.95 -8.78 -16.09
N GLU D 124 3.26 -8.86 -14.96
CA GLU D 124 3.48 -7.96 -13.83
C GLU D 124 3.67 -8.76 -12.56
N VAL D 125 4.68 -8.39 -11.78
CA VAL D 125 4.99 -9.05 -10.51
C VAL D 125 5.13 -7.97 -9.45
N LEU D 126 4.15 -7.91 -8.55
CA LEU D 126 4.23 -7.00 -7.40
C LEU D 126 4.93 -7.72 -6.25
N LEU D 127 6.05 -7.16 -5.81
CA LEU D 127 6.83 -7.71 -4.70
C LEU D 127 6.44 -6.98 -3.43
N VAL D 128 5.96 -7.72 -2.44
CA VAL D 128 5.50 -7.15 -1.18
C VAL D 128 6.42 -7.60 -0.05
N GLY D 129 6.49 -6.77 0.99
CA GLY D 129 7.28 -7.11 2.16
C GLY D 129 8.78 -6.99 1.99
N LEU D 130 9.24 -6.19 1.03
CA LEU D 130 10.67 -6.01 0.84
C LEU D 130 11.25 -5.20 2.00
N GLU D 131 12.54 -5.40 2.24
CA GLU D 131 13.21 -4.66 3.30
C GLU D 131 13.47 -3.22 2.84
N PRO D 132 13.01 -2.22 3.59
CA PRO D 132 13.20 -0.84 3.15
C PRO D 132 14.67 -0.47 3.04
N GLY D 133 15.00 0.31 2.01
CA GLY D 133 16.37 0.74 1.80
C GLY D 133 17.33 -0.35 1.40
N THR D 134 16.83 -1.49 0.93
CA THR D 134 17.68 -2.59 0.49
C THR D 134 17.68 -2.64 -1.04
N ARG D 135 18.88 -2.75 -1.61
CA ARG D 135 19.02 -2.91 -3.04
C ARG D 135 18.69 -4.34 -3.44
N TYR D 136 17.86 -4.48 -4.48
CA TYR D 136 17.48 -5.78 -5.01
C TYR D 136 17.82 -5.85 -6.48
N ASN D 137 18.11 -7.06 -6.96
CA ASN D 137 18.38 -7.31 -8.37
C ASN D 137 17.40 -8.36 -8.87
N ALA D 138 16.69 -8.01 -9.95
CA ALA D 138 15.76 -8.92 -10.60
C ALA D 138 16.27 -9.23 -12.00
N THR D 139 16.37 -10.52 -12.31
CA THR D 139 16.82 -11.00 -13.61
C THR D 139 15.75 -11.91 -14.19
N VAL D 140 15.22 -11.53 -15.35
CA VAL D 140 14.08 -12.22 -15.96
C VAL D 140 14.56 -12.96 -17.20
N TYR D 141 14.21 -14.23 -17.30
CA TYR D 141 14.51 -15.07 -18.46
C TYR D 141 13.21 -15.47 -19.13
N SER D 142 13.04 -15.06 -20.39
CA SER D 142 11.94 -15.60 -21.17
C SER D 142 12.20 -17.07 -21.47
N GLN D 143 11.11 -17.84 -21.61
CA GLN D 143 11.22 -19.28 -21.79
C GLN D 143 10.27 -19.72 -22.90
N ALA D 144 10.81 -20.45 -23.88
CA ALA D 144 9.99 -21.03 -24.92
C ALA D 144 9.14 -22.16 -24.34
N ALA D 145 8.25 -22.70 -25.18
CA ALA D 145 7.38 -23.78 -24.74
C ALA D 145 8.19 -25.03 -24.39
N ASN D 146 9.22 -25.32 -25.16
CA ASN D 146 10.06 -26.50 -24.90
C ASN D 146 11.01 -26.30 -23.74
N GLY D 147 11.11 -25.09 -23.18
CA GLY D 147 11.90 -24.82 -22.01
C GLY D 147 13.15 -24.01 -22.25
N THR D 148 13.58 -23.85 -23.50
CA THR D 148 14.78 -23.09 -23.79
C THR D 148 14.63 -21.65 -23.33
N GLU D 149 15.67 -21.13 -22.68
CA GLU D 149 15.64 -19.80 -22.09
C GLU D 149 16.26 -18.78 -23.03
N GLY D 150 15.69 -17.58 -23.03
CA GLY D 150 16.30 -16.46 -23.73
C GLY D 150 17.34 -15.76 -22.87
N GLN D 151 18.03 -14.81 -23.50
CA GLN D 151 19.06 -14.07 -22.77
C GLN D 151 18.42 -13.22 -21.67
N PRO D 152 19.10 -13.07 -20.54
CA PRO D 152 18.50 -12.37 -19.40
C PRO D 152 18.47 -10.85 -19.57
N GLN D 153 17.47 -10.26 -18.92
CA GLN D 153 17.40 -8.81 -18.75
C GLN D 153 17.30 -8.51 -17.26
N ALA D 154 18.20 -7.67 -16.76
CA ALA D 154 18.32 -7.42 -15.34
C ALA D 154 17.92 -5.98 -15.01
N ILE D 155 17.44 -5.80 -13.79
CA ILE D 155 17.07 -4.48 -13.29
C ILE D 155 17.37 -4.42 -11.80
N GLU D 156 17.96 -3.32 -11.36
CA GLU D 156 18.24 -3.07 -9.97
C GLU D 156 17.35 -1.94 -9.46
N PHE D 157 16.89 -2.06 -8.22
CA PHE D 157 16.06 -1.04 -7.60
C PHE D 157 16.28 -1.07 -6.09
N ARG D 158 16.03 0.07 -5.45
CA ARG D 158 16.11 0.18 -3.99
C ARG D 158 14.79 0.73 -3.48
N THR D 159 14.17 -0.01 -2.56
CA THR D 159 12.87 0.38 -2.04
C THR D 159 12.98 1.54 -1.05
#